data_1GSK
#
_entry.id   1GSK
#
_cell.length_a   102.051
_cell.length_b   102.051
_cell.length_c   136.393
_cell.angle_alpha   90.00
_cell.angle_beta   90.00
_cell.angle_gamma   120.00
#
_symmetry.space_group_name_H-M   'P 31 2 1'
#
loop_
_entity.id
_entity.type
_entity.pdbx_description
1 polymer 'SPORE COAT PROTEIN A'
2 non-polymer GLYCEROL
3 non-polymer 'COPPER (II) ION'
4 non-polymer 'CU-O-CU LINKAGE'
5 non-polymer 'CU-O LINKAGE'
6 water water
#
_entity_poly.entity_id   1
_entity_poly.type   'polypeptide(L)'
_entity_poly.pdbx_seq_one_letter_code
;MTLEKFVDALPIPDTLKPVQQSKEKTYYEVTMEECTHQLHRDLPPTRLWGYNGLFPGPTIEVKRNENVYVKWMNNLPSTH
FLPIDHTIHHSDSQHEEPEVKTVVHLHGGVTPDDSDGYPEAWFSKDFEQTGPYFKREVYHYPNQQRGAILWYHDHAMALT
RLNVYAGLVGAYIIHDPKEKRLKLPSDEYDVPLLITDRTINEDGSLFYPSAPENPSPSLPNPSIVPAFCGETILVNGKVW
PYLEVEPRKYRFRVINASNTRTYNLSLDNGGDFIQIGSDGGLLPRSVKLNSFSLAPAERYDIIIDFTAYEGESIILANSA
GCGGDVNPETDANIMQFRVTKPLAQKDESRKPKYLASYPSVQHERIQNIRTLKLAGTQDEYGRPVLLLNNKRWHDPVTET
PKVGTTEIWSIINPTRGTHPIHLHLVSFRVLDRRPFDIARYQESGELSYTGPAVPPPPSEKGWKDTIQAHAGEVLRIAAT
FGPYSGRYVWHCHILEHEDYDMMRPMDITDPHK
;
_entity_poly.pdbx_strand_id   A
#
loop_
_chem_comp.id
_chem_comp.type
_chem_comp.name
_chem_comp.formula
C1O non-polymer 'CU-O LINKAGE' 'Cu O'
C2O non-polymer 'CU-O-CU LINKAGE' 'Cu2 O'
CU non-polymer 'COPPER (II) ION' 'Cu 2'
GOL non-polymer GLYCEROL 'C3 H8 O3'
#
# COMPACT_ATOMS: atom_id res chain seq x y z
N THR A 2 -17.65 4.03 22.00
CA THR A 2 -16.99 4.04 20.66
C THR A 2 -18.00 4.49 19.63
N LEU A 3 -17.52 4.95 18.49
CA LEU A 3 -18.39 5.39 17.42
C LEU A 3 -19.30 4.25 16.94
N GLU A 4 -20.56 4.60 16.70
CA GLU A 4 -21.55 3.65 16.27
C GLU A 4 -21.19 3.19 14.83
N LYS A 5 -21.14 1.90 14.65
CA LYS A 5 -20.72 1.37 13.36
C LYS A 5 -21.84 1.44 12.31
N PHE A 6 -21.44 1.68 11.07
CA PHE A 6 -22.36 1.53 9.95
C PHE A 6 -23.50 2.55 9.94
N VAL A 7 -23.17 3.82 10.12
CA VAL A 7 -24.19 4.87 10.03
C VAL A 7 -23.86 5.92 8.97
N ASP A 8 -22.70 5.80 8.30
CA ASP A 8 -22.36 6.73 7.24
C ASP A 8 -22.16 5.94 5.94
N ALA A 9 -22.65 6.44 4.82
CA ALA A 9 -22.45 5.74 3.54
C ALA A 9 -20.98 5.85 3.10
N LEU A 10 -20.54 4.83 2.39
CA LEU A 10 -19.16 4.76 1.91
C LEU A 10 -19.01 5.83 0.85
N PRO A 11 -18.05 6.74 1.00
CA PRO A 11 -17.77 7.67 -0.09
C PRO A 11 -17.12 6.97 -1.26
N ILE A 12 -17.45 7.40 -2.46
CA ILE A 12 -16.73 6.89 -3.65
C ILE A 12 -15.95 8.07 -4.20
N PRO A 13 -14.62 8.08 -4.09
CA PRO A 13 -13.92 9.27 -4.53
C PRO A 13 -14.21 9.57 -5.99
N ASP A 14 -14.37 10.85 -6.33
CA ASP A 14 -14.62 11.17 -7.71
C ASP A 14 -13.38 10.88 -8.53
N THR A 15 -13.57 10.61 -9.81
CA THR A 15 -12.44 10.43 -10.69
C THR A 15 -11.91 11.80 -11.14
N LEU A 16 -10.60 11.98 -11.00
CA LEU A 16 -9.96 13.28 -11.34
C LEU A 16 -10.08 13.61 -12.81
N LYS A 17 -10.38 14.87 -13.11
CA LYS A 17 -10.46 15.30 -14.49
C LYS A 17 -9.15 16.01 -14.86
N PRO A 18 -8.61 15.71 -16.03
CA PRO A 18 -7.35 16.35 -16.46
C PRO A 18 -7.50 17.84 -16.67
N VAL A 19 -6.41 18.56 -16.47
CA VAL A 19 -6.36 19.98 -16.79
C VAL A 19 -6.27 20.10 -18.33
N GLN A 20 -5.53 19.20 -18.96
CA GLN A 20 -5.39 19.19 -20.41
C GLN A 20 -5.33 17.75 -20.89
N GLN A 21 -5.93 17.48 -22.05
CA GLN A 21 -5.87 16.14 -22.57
C GLN A 21 -5.99 16.15 -24.10
N SER A 22 -5.12 15.38 -24.71
CA SER A 22 -5.10 15.19 -26.15
C SER A 22 -4.79 13.72 -26.37
N LYS A 23 -4.83 13.28 -27.62
CA LYS A 23 -4.45 11.93 -27.94
C LYS A 23 -3.02 11.60 -27.51
N GLU A 24 -2.16 12.63 -27.47
CA GLU A 24 -0.74 12.45 -27.21
C GLU A 24 -0.33 12.58 -25.76
N LYS A 25 -1.13 13.28 -24.98
CA LYS A 25 -0.74 13.54 -23.59
C LYS A 25 -1.92 13.88 -22.70
N THR A 26 -1.90 13.38 -21.46
CA THR A 26 -2.87 13.78 -20.45
C THR A 26 -2.14 14.42 -19.30
N TYR A 27 -2.60 15.62 -18.93
CA TYR A 27 -1.92 16.37 -17.88
C TYR A 27 -2.86 16.69 -16.73
N TYR A 28 -2.44 16.29 -15.54
CA TYR A 28 -3.20 16.54 -14.32
C TYR A 28 -2.46 17.44 -13.36
N GLU A 29 -3.21 18.11 -12.49
CA GLU A 29 -2.62 18.90 -11.40
C GLU A 29 -3.27 18.43 -10.10
N VAL A 30 -2.45 18.12 -9.10
CA VAL A 30 -2.96 17.74 -7.81
C VAL A 30 -2.23 18.53 -6.73
N THR A 31 -2.98 19.21 -5.88
CA THR A 31 -2.39 20.06 -4.86
C THR A 31 -2.70 19.56 -3.46
N MET A 32 -1.65 19.37 -2.66
CA MET A 32 -1.79 18.96 -1.28
C MET A 32 -2.21 20.14 -0.42
N GLU A 33 -3.32 19.97 0.28
CA GLU A 33 -3.94 21.07 1.05
C GLU A 33 -4.33 20.61 2.41
N GLU A 34 -4.24 21.47 3.42
CA GLU A 34 -4.83 21.10 4.69
C GLU A 34 -6.33 21.40 4.54
N CYS A 35 -7.17 20.51 5.06
CA CYS A 35 -8.60 20.54 4.82
C CYS A 35 -9.30 19.95 6.00
N THR A 36 -10.64 20.08 6.06
CA THR A 36 -11.36 19.43 7.16
C THR A 36 -12.52 18.63 6.57
N HIS A 37 -12.70 17.45 7.11
CA HIS A 37 -13.77 16.56 6.68
C HIS A 37 -14.31 15.80 7.86
N GLN A 38 -15.62 15.57 7.85
CA GLN A 38 -16.18 14.78 8.92
C GLN A 38 -15.93 13.29 8.62
N LEU A 39 -15.40 12.56 9.58
CA LEU A 39 -15.03 11.15 9.38
C LEU A 39 -16.14 10.22 9.86
N HIS A 40 -17.11 10.76 10.63
CA HIS A 40 -18.20 9.92 11.13
C HIS A 40 -19.34 10.86 11.53
N ARG A 41 -20.56 10.38 11.42
CA ARG A 41 -21.74 11.17 11.78
C ARG A 41 -21.64 11.91 13.11
N ASP A 42 -21.06 11.27 14.11
CA ASP A 42 -21.04 11.82 15.48
C ASP A 42 -19.78 12.58 15.88
N LEU A 43 -18.90 12.87 14.93
CA LEU A 43 -17.69 13.64 15.21
C LEU A 43 -17.69 15.02 14.58
N PRO A 44 -17.04 16.00 15.21
CA PRO A 44 -16.83 17.29 14.58
C PRO A 44 -15.85 17.02 13.44
N PRO A 45 -15.78 17.86 12.43
CA PRO A 45 -14.84 17.62 11.31
C PRO A 45 -13.40 17.59 11.78
N THR A 46 -12.62 16.80 11.04
CA THR A 46 -11.21 16.47 11.37
C THR A 46 -10.30 17.20 10.45
N ARG A 47 -9.27 17.85 10.99
CA ARG A 47 -8.26 18.48 10.15
C ARG A 47 -7.36 17.37 9.55
N LEU A 48 -7.16 17.46 8.24
CA LEU A 48 -6.45 16.41 7.47
C LEU A 48 -5.57 17.07 6.44
N TRP A 49 -4.66 16.30 5.87
CA TRP A 49 -3.92 16.77 4.71
C TRP A 49 -4.41 15.92 3.57
N GLY A 50 -4.87 16.57 2.53
CA GLY A 50 -5.43 15.83 1.42
C GLY A 50 -5.03 16.30 0.02
N TYR A 51 -4.88 15.33 -0.87
CA TYR A 51 -4.63 15.60 -2.27
C TYR A 51 -5.89 16.28 -2.84
N ASN A 52 -5.68 17.47 -3.42
CA ASN A 52 -6.82 18.36 -3.85
C ASN A 52 -7.82 18.59 -2.72
N GLY A 53 -7.31 18.54 -1.49
CA GLY A 53 -8.10 18.77 -0.27
C GLY A 53 -9.16 17.71 -0.03
N LEU A 54 -8.91 16.51 -0.51
CA LEU A 54 -9.85 15.40 -0.32
C LEU A 54 -9.15 14.26 0.41
N PHE A 55 -9.90 13.50 1.21
CA PHE A 55 -9.34 12.27 1.86
C PHE A 55 -10.33 11.12 1.74
N PRO A 56 -9.99 10.10 0.98
CA PRO A 56 -8.71 10.03 0.22
C PRO A 56 -8.70 10.95 -0.97
N GLY A 57 -7.56 11.03 -1.65
CA GLY A 57 -7.42 11.84 -2.85
C GLY A 57 -8.35 11.33 -3.96
N PRO A 58 -8.48 12.10 -5.01
CA PRO A 58 -9.32 11.69 -6.13
C PRO A 58 -8.75 10.41 -6.76
N THR A 59 -9.64 9.60 -7.31
CA THR A 59 -9.18 8.39 -8.01
C THR A 59 -8.74 8.84 -9.39
N ILE A 60 -7.54 8.43 -9.79
CA ILE A 60 -7.04 8.73 -11.13
C ILE A 60 -7.20 7.49 -11.99
N GLU A 61 -7.79 7.63 -13.17
CA GLU A 61 -7.96 6.48 -14.06
C GLU A 61 -7.28 6.71 -15.39
N VAL A 62 -6.47 5.76 -15.80
CA VAL A 62 -5.73 5.89 -17.06
C VAL A 62 -5.83 4.62 -17.86
N LYS A 63 -5.50 4.73 -19.16
CA LYS A 63 -5.32 3.54 -19.95
C LYS A 63 -3.90 3.06 -20.01
N ARG A 64 -3.74 1.77 -20.27
CA ARG A 64 -2.42 1.22 -20.55
C ARG A 64 -1.81 2.05 -21.68
N ASN A 65 -0.55 2.43 -21.49
CA ASN A 65 0.20 3.26 -22.46
C ASN A 65 -0.23 4.72 -22.61
N GLU A 66 -1.21 5.17 -21.83
CA GLU A 66 -1.59 6.56 -21.83
C GLU A 66 -0.43 7.40 -21.31
N ASN A 67 -0.07 8.45 -22.05
CA ASN A 67 1.11 9.24 -21.72
C ASN A 67 0.67 10.28 -20.72
N VAL A 68 0.84 9.96 -19.42
CA VAL A 68 0.32 10.80 -18.35
C VAL A 68 1.33 11.66 -17.62
N TYR A 69 0.96 12.90 -17.29
CA TYR A 69 1.78 13.78 -16.47
C TYR A 69 0.95 14.24 -15.28
N VAL A 70 1.56 14.30 -14.10
CA VAL A 70 0.86 14.83 -12.92
C VAL A 70 1.80 15.81 -12.23
N LYS A 71 1.36 17.05 -12.13
CA LYS A 71 2.13 18.03 -11.35
C LYS A 71 1.63 17.95 -9.91
N TRP A 72 2.36 17.25 -9.02
CA TRP A 72 2.00 17.15 -7.60
C TRP A 72 2.56 18.38 -6.87
N MET A 73 1.68 19.19 -6.29
CA MET A 73 2.13 20.42 -5.62
C MET A 73 1.90 20.40 -4.14
N ASN A 74 2.83 21.02 -3.40
CA ASN A 74 2.69 21.16 -1.96
C ASN A 74 2.14 22.58 -1.63
N ASN A 75 0.88 22.63 -1.19
CA ASN A 75 0.31 23.93 -0.71
C ASN A 75 -0.12 23.74 0.73
N LEU A 76 0.64 22.95 1.49
CA LEU A 76 0.37 22.66 2.88
C LEU A 76 0.95 23.79 3.77
N PRO A 77 0.54 23.84 5.03
CA PRO A 77 1.14 24.78 5.98
C PRO A 77 2.61 24.46 6.15
N SER A 78 3.35 25.46 6.64
CA SER A 78 4.79 25.33 6.82
C SER A 78 5.14 24.53 8.07
N THR A 79 4.15 24.21 8.87
CA THR A 79 4.36 23.42 10.06
C THR A 79 3.43 22.22 10.04
N HIS A 80 3.93 21.11 10.55
CA HIS A 80 3.14 19.90 10.61
C HIS A 80 2.16 19.98 11.77
N PHE A 81 1.17 19.10 11.78
CA PHE A 81 0.30 19.02 12.92
C PHE A 81 0.44 17.75 13.72
N LEU A 82 1.25 16.80 13.23
CA LEU A 82 1.51 15.56 13.95
C LEU A 82 2.89 15.65 14.60
N PRO A 83 3.21 14.77 15.56
CA PRO A 83 4.50 14.93 16.28
C PRO A 83 5.72 14.52 15.47
N ILE A 84 6.63 15.46 15.22
CA ILE A 84 7.84 15.13 14.47
C ILE A 84 8.97 14.79 15.43
N ASP A 85 9.65 13.68 15.16
CA ASP A 85 10.82 13.30 15.96
C ASP A 85 12.06 13.73 15.20
N HIS A 86 12.77 14.71 15.73
CA HIS A 86 13.88 15.24 14.99
C HIS A 86 15.13 14.41 15.14
N THR A 87 15.10 13.37 15.96
CA THR A 87 16.34 12.63 16.16
C THR A 87 16.57 11.50 15.20
N ILE A 88 15.60 11.22 14.31
CA ILE A 88 15.79 10.06 13.45
C ILE A 88 16.53 10.32 12.15
N HIS A 89 16.75 11.58 11.80
CA HIS A 89 17.43 11.91 10.55
C HIS A 89 18.38 13.06 10.84
N GLU A 97 16.92 23.08 6.27
CA GLU A 97 15.74 22.23 5.82
C GLU A 97 14.35 22.57 6.39
N PRO A 98 13.35 22.64 5.52
CA PRO A 98 11.97 22.95 5.93
C PRO A 98 11.37 21.78 6.74
N GLU A 99 10.47 22.11 7.65
CA GLU A 99 9.84 21.09 8.45
C GLU A 99 8.92 20.18 7.61
N VAL A 100 8.16 20.76 6.71
CA VAL A 100 7.20 19.95 5.94
C VAL A 100 7.79 19.64 4.57
N LYS A 101 8.13 18.37 4.34
CA LYS A 101 8.71 17.90 3.08
C LYS A 101 7.66 16.88 2.55
N THR A 102 7.50 16.90 1.23
CA THR A 102 6.52 15.96 0.60
C THR A 102 7.09 15.46 -0.72
N VAL A 103 6.66 14.26 -1.13
CA VAL A 103 6.94 13.79 -2.47
C VAL A 103 5.95 12.64 -2.73
N VAL A 104 5.48 12.50 -3.96
CA VAL A 104 4.43 11.48 -4.23
C VAL A 104 5.02 10.27 -4.95
N HIS A 105 4.77 9.09 -4.39
CA HIS A 105 5.17 7.84 -5.06
C HIS A 105 3.92 7.15 -5.58
N LEU A 106 3.94 6.85 -6.88
CA LEU A 106 2.84 6.06 -7.51
C LEU A 106 3.25 4.62 -7.30
N HIS A 107 2.63 4.01 -6.29
CA HIS A 107 2.95 2.65 -5.85
C HIS A 107 2.50 1.61 -6.84
N GLY A 108 3.49 0.90 -7.39
CA GLY A 108 3.22 -0.05 -8.48
C GLY A 108 3.56 0.56 -9.84
N GLY A 109 3.89 1.85 -9.88
CA GLY A 109 4.10 2.47 -11.19
C GLY A 109 5.42 2.00 -11.87
N VAL A 110 5.33 1.70 -13.16
CA VAL A 110 6.53 1.41 -13.97
C VAL A 110 6.93 2.84 -14.45
N THR A 111 7.81 3.45 -13.66
CA THR A 111 8.01 4.89 -13.75
C THR A 111 9.50 5.26 -13.85
N PRO A 112 9.82 6.20 -14.70
CA PRO A 112 11.22 6.70 -14.73
C PRO A 112 11.65 7.14 -13.34
N ASP A 113 12.95 7.04 -13.04
CA ASP A 113 13.36 7.23 -11.65
C ASP A 113 13.04 8.61 -11.07
N ASP A 114 13.13 9.64 -11.87
CA ASP A 114 12.92 10.98 -11.33
C ASP A 114 11.46 11.34 -11.14
N SER A 115 10.60 10.38 -11.52
CA SER A 115 9.17 10.55 -11.31
C SER A 115 8.65 9.49 -10.35
N ASP A 116 9.53 8.75 -9.69
CA ASP A 116 9.07 7.64 -8.84
C ASP A 116 8.76 8.10 -7.41
N GLY A 117 9.15 9.32 -7.07
CA GLY A 117 8.93 9.79 -5.72
C GLY A 117 10.00 9.34 -4.73
N TYR A 118 11.28 9.50 -5.13
CA TYR A 118 12.38 9.10 -4.25
C TYR A 118 12.32 9.92 -2.93
N PRO A 119 12.62 9.32 -1.80
CA PRO A 119 12.42 9.98 -0.50
C PRO A 119 13.19 11.26 -0.39
N GLU A 120 14.34 11.33 -1.08
CA GLU A 120 15.17 12.53 -1.08
C GLU A 120 14.92 13.48 -2.24
N ALA A 121 13.83 13.25 -2.99
CA ALA A 121 13.41 14.16 -4.07
C ALA A 121 12.21 14.99 -3.57
N TRP A 122 12.18 15.18 -2.26
CA TRP A 122 11.09 15.94 -1.65
C TRP A 122 11.12 17.44 -2.00
N PHE A 123 9.99 18.08 -1.74
CA PHE A 123 9.89 19.50 -1.94
C PHE A 123 9.03 20.09 -0.84
N SER A 124 9.35 21.35 -0.52
CA SER A 124 8.51 22.09 0.41
C SER A 124 7.45 22.88 -0.36
N LYS A 125 6.69 23.70 0.36
CA LYS A 125 5.64 24.46 -0.26
C LYS A 125 6.10 25.25 -1.49
N ASP A 126 5.36 25.12 -2.58
CA ASP A 126 5.60 25.81 -3.85
C ASP A 126 7.00 25.51 -4.43
N PHE A 127 7.55 24.36 -4.05
CA PHE A 127 8.89 23.90 -4.49
C PHE A 127 9.98 24.90 -4.03
N GLU A 128 9.76 25.57 -2.91
CA GLU A 128 10.73 26.63 -2.53
C GLU A 128 12.07 26.00 -2.22
N GLN A 129 12.06 24.88 -1.49
CA GLN A 129 13.27 24.10 -1.26
C GLN A 129 13.03 22.68 -1.75
N THR A 130 14.07 22.04 -2.29
CA THR A 130 13.93 20.65 -2.78
C THR A 130 15.07 19.80 -2.27
N GLY A 131 14.82 18.51 -2.12
CA GLY A 131 15.85 17.58 -1.72
C GLY A 131 16.93 17.36 -2.77
N PRO A 132 18.00 16.70 -2.33
CA PRO A 132 19.19 16.52 -3.17
C PRO A 132 18.95 15.68 -4.42
N TYR A 133 17.90 14.84 -4.42
CA TYR A 133 17.59 14.07 -5.61
C TYR A 133 16.40 14.57 -6.44
N PHE A 134 15.88 15.74 -6.08
CA PHE A 134 14.81 16.36 -6.87
C PHE A 134 15.26 16.70 -8.27
N LYS A 135 14.49 16.30 -9.28
CA LYS A 135 14.82 16.78 -10.64
C LYS A 135 13.71 17.54 -11.30
N ARG A 136 12.44 17.24 -10.96
CA ARG A 136 11.34 17.77 -11.76
C ARG A 136 10.04 17.94 -10.97
N GLU A 137 9.27 18.96 -11.36
CA GLU A 137 7.99 19.27 -10.71
C GLU A 137 6.87 18.44 -11.25
N VAL A 138 6.90 18.21 -12.55
CA VAL A 138 5.77 17.48 -13.20
C VAL A 138 6.26 16.06 -13.48
N TYR A 139 5.59 15.11 -12.83
CA TYR A 139 5.94 13.70 -12.91
C TYR A 139 5.38 13.04 -14.16
N HIS A 140 6.12 12.10 -14.69
CA HIS A 140 5.72 11.43 -15.93
C HIS A 140 5.44 9.96 -15.70
N TYR A 141 4.22 9.50 -16.04
CA TYR A 141 3.83 8.09 -15.90
C TYR A 141 3.41 7.55 -17.28
N PRO A 142 4.33 6.88 -17.97
CA PRO A 142 4.01 6.33 -19.30
C PRO A 142 3.02 5.18 -19.23
N ASN A 143 2.86 4.58 -18.06
CA ASN A 143 1.85 3.50 -17.90
C ASN A 143 2.04 2.36 -18.89
N GLN A 144 3.29 2.02 -19.22
CA GLN A 144 3.54 0.92 -20.15
C GLN A 144 3.65 -0.35 -19.32
N GLN A 145 2.48 -0.83 -18.87
CA GLN A 145 2.49 -1.88 -17.89
C GLN A 145 1.09 -2.53 -17.82
N ARG A 146 1.01 -3.67 -17.15
CA ARG A 146 -0.30 -4.38 -17.05
C ARG A 146 -1.40 -3.57 -16.38
N GLY A 147 -2.64 -3.78 -16.81
CA GLY A 147 -3.77 -3.18 -16.08
C GLY A 147 -3.69 -3.67 -14.62
N ALA A 148 -3.95 -2.76 -13.67
CA ALA A 148 -3.81 -3.11 -12.28
C ALA A 148 -4.35 -1.98 -11.38
N ILE A 149 -4.51 -2.31 -10.10
CA ILE A 149 -4.78 -1.29 -9.06
C ILE A 149 -3.48 -0.80 -8.49
N LEU A 150 -3.18 0.48 -8.72
CA LEU A 150 -2.04 1.13 -8.08
C LEU A 150 -2.61 2.08 -7.02
N TRP A 151 -1.73 2.74 -6.26
CA TRP A 151 -2.24 3.78 -5.39
C TRP A 151 -1.11 4.78 -5.20
N TYR A 152 -1.42 6.00 -4.80
CA TYR A 152 -0.34 7.00 -4.70
C TYR A 152 -0.33 7.56 -3.30
N HIS A 153 0.86 7.90 -2.82
CA HIS A 153 0.93 8.32 -1.43
C HIS A 153 2.24 9.04 -1.18
N ASP A 154 2.29 9.80 -0.07
CA ASP A 154 3.54 10.51 0.24
C ASP A 154 4.68 9.54 0.55
N HIS A 155 5.92 9.96 0.25
CA HIS A 155 7.07 9.10 0.45
C HIS A 155 8.28 9.94 0.95
N ALA A 156 8.02 11.06 1.61
CA ALA A 156 9.17 11.91 1.99
C ALA A 156 10.04 11.34 3.09
N MET A 157 11.34 11.53 2.93
CA MET A 157 12.32 11.06 3.89
C MET A 157 11.99 11.43 5.35
N ALA A 158 11.91 10.39 6.19
CA ALA A 158 11.73 10.51 7.63
C ALA A 158 10.37 11.06 8.05
N LEU A 159 9.45 11.25 7.10
CA LEU A 159 8.15 11.83 7.44
C LEU A 159 7.02 11.01 6.84
N THR A 160 7.34 9.88 6.19
CA THR A 160 6.29 9.17 5.45
C THR A 160 5.16 8.68 6.37
N ARG A 161 5.52 8.18 7.55
CA ARG A 161 4.49 7.68 8.48
C ARG A 161 3.52 8.80 8.89
N LEU A 162 4.02 10.03 8.97
CA LEU A 162 3.16 11.15 9.42
C LEU A 162 2.33 11.69 8.23
N ASN A 163 2.99 11.82 7.07
CA ASN A 163 2.29 12.42 5.93
C ASN A 163 1.19 11.52 5.43
N VAL A 164 1.44 10.22 5.42
CA VAL A 164 0.42 9.26 5.00
C VAL A 164 -0.72 9.21 6.04
N TYR A 165 -0.35 9.19 7.33
CA TYR A 165 -1.38 9.17 8.39
C TYR A 165 -2.25 10.44 8.37
N ALA A 166 -1.68 11.57 7.96
CA ALA A 166 -2.44 12.80 7.85
C ALA A 166 -3.48 12.77 6.78
N GLY A 167 -3.31 11.86 5.82
CA GLY A 167 -4.34 11.64 4.81
C GLY A 167 -3.90 11.60 3.36
N LEU A 168 -2.60 11.68 3.14
CA LEU A 168 -2.07 11.72 1.78
C LEU A 168 -1.98 10.35 1.08
N VAL A 169 -3.13 9.87 0.66
CA VAL A 169 -3.26 8.57 -0.06
C VAL A 169 -4.39 8.66 -1.10
N GLY A 170 -4.29 7.87 -2.19
CA GLY A 170 -5.34 7.92 -3.22
C GLY A 170 -5.18 6.71 -4.11
N ALA A 171 -6.23 6.39 -4.89
CA ALA A 171 -6.15 5.27 -5.84
C ALA A 171 -5.82 5.68 -7.26
N TYR A 172 -5.17 4.78 -7.99
CA TYR A 172 -4.84 5.03 -9.40
C TYR A 172 -5.06 3.70 -10.14
N ILE A 173 -5.96 3.69 -11.11
CA ILE A 173 -6.28 2.43 -11.82
C ILE A 173 -5.83 2.52 -13.25
N ILE A 174 -5.07 1.50 -13.67
CA ILE A 174 -4.72 1.38 -15.08
C ILE A 174 -5.66 0.36 -15.72
N HIS A 175 -6.35 0.81 -16.73
CA HIS A 175 -7.27 -0.04 -17.48
C HIS A 175 -6.58 -0.51 -18.79
N ASP A 176 -6.54 -1.81 -19.02
CA ASP A 176 -5.98 -2.32 -20.29
C ASP A 176 -7.17 -2.76 -21.16
N PRO A 177 -7.38 -2.10 -22.28
CA PRO A 177 -8.56 -2.40 -23.11
C PRO A 177 -8.59 -3.86 -23.54
N LYS A 178 -7.46 -4.56 -23.54
CA LYS A 178 -7.47 -5.98 -23.94
C LYS A 178 -8.20 -6.84 -22.93
N GLU A 179 -8.47 -6.27 -21.74
CA GLU A 179 -9.15 -7.04 -20.68
C GLU A 179 -10.67 -6.84 -20.75
N LYS A 180 -11.14 -5.91 -21.57
CA LYS A 180 -12.57 -5.59 -21.62
C LYS A 180 -13.38 -6.79 -22.01
N ARG A 181 -12.79 -7.65 -22.84
CA ARG A 181 -13.55 -8.79 -23.35
C ARG A 181 -13.89 -9.79 -22.23
N LEU A 182 -13.24 -9.69 -21.07
CA LEU A 182 -13.50 -10.58 -19.93
C LEU A 182 -14.84 -10.26 -19.28
N LYS A 183 -15.39 -9.08 -19.57
CA LYS A 183 -16.70 -8.64 -19.01
C LYS A 183 -16.76 -8.57 -17.50
N LEU A 184 -15.62 -8.26 -16.88
CA LEU A 184 -15.59 -8.11 -15.42
C LEU A 184 -16.50 -6.93 -15.03
N PRO A 185 -17.03 -6.94 -13.81
CA PRO A 185 -17.93 -5.85 -13.39
C PRO A 185 -17.17 -4.51 -13.59
N SER A 186 -17.87 -3.52 -14.08
CA SER A 186 -17.20 -2.27 -14.43
C SER A 186 -17.99 -1.07 -14.05
N ASP A 187 -17.41 0.11 -14.27
CA ASP A 187 -18.10 1.36 -14.05
C ASP A 187 -18.62 1.54 -12.61
N GLU A 188 -19.93 1.72 -12.46
CA GLU A 188 -20.46 1.94 -11.10
C GLU A 188 -20.26 0.72 -10.26
N TYR A 189 -20.02 -0.41 -10.92
CA TYR A 189 -19.85 -1.70 -10.23
C TYR A 189 -18.42 -2.12 -9.99
N ASP A 190 -17.48 -1.13 -10.08
CA ASP A 190 -16.07 -1.38 -9.87
C ASP A 190 -15.68 -0.26 -8.89
N VAL A 191 -15.46 -0.63 -7.66
CA VAL A 191 -15.33 0.35 -6.55
C VAL A 191 -14.06 0.16 -5.75
N PRO A 192 -13.26 1.18 -5.62
CA PRO A 192 -12.06 1.07 -4.79
C PRO A 192 -12.41 1.11 -3.33
N LEU A 193 -11.69 0.35 -2.52
CA LEU A 193 -11.88 0.38 -1.08
C LEU A 193 -10.48 0.65 -0.47
N LEU A 194 -10.25 1.88 -0.02
CA LEU A 194 -8.95 2.24 0.58
C LEU A 194 -9.17 2.11 2.07
N ILE A 195 -8.50 1.16 2.72
CA ILE A 195 -8.70 0.91 4.16
C ILE A 195 -7.61 1.58 4.99
N THR A 196 -8.00 2.40 5.97
CA THR A 196 -7.01 3.08 6.79
C THR A 196 -7.45 3.03 8.23
N ASP A 197 -6.61 2.55 9.15
CA ASP A 197 -7.01 2.61 10.55
C ASP A 197 -6.57 3.93 11.17
N ARG A 198 -7.38 4.47 12.11
CA ARG A 198 -7.02 5.75 12.68
C ARG A 198 -7.41 5.77 14.15
N THR A 199 -6.80 6.65 14.90
CA THR A 199 -7.31 6.90 16.27
C THR A 199 -7.72 8.34 16.27
N ILE A 200 -8.97 8.56 16.69
CA ILE A 200 -9.53 9.90 16.66
C ILE A 200 -9.95 10.41 18.06
N ASN A 201 -9.51 11.62 18.39
CA ASN A 201 -9.85 12.22 19.70
C ASN A 201 -11.31 12.65 19.76
N GLU A 202 -11.78 12.90 20.98
CA GLU A 202 -13.15 13.33 21.16
C GLU A 202 -13.55 14.55 20.38
N ASP A 203 -12.61 15.48 20.21
CA ASP A 203 -12.88 16.70 19.48
C ASP A 203 -12.78 16.53 17.96
N GLY A 204 -12.59 15.28 17.53
CA GLY A 204 -12.54 14.95 16.12
C GLY A 204 -11.12 14.96 15.57
N SER A 205 -10.17 15.47 16.33
CA SER A 205 -8.80 15.58 15.76
C SER A 205 -8.14 14.23 15.70
N LEU A 206 -7.23 14.05 14.73
CA LEU A 206 -6.49 12.79 14.69
C LEU A 206 -5.51 12.69 15.86
N PHE A 207 -5.36 11.47 16.37
CA PHE A 207 -4.38 11.15 17.39
C PHE A 207 -3.26 10.33 16.75
N TYR A 208 -2.01 10.76 16.91
CA TYR A 208 -0.84 9.95 16.52
C TYR A 208 0.12 10.08 17.71
N PRO A 209 0.66 8.96 18.15
CA PRO A 209 1.43 8.96 19.41
C PRO A 209 2.67 9.80 19.34
N SER A 210 2.98 10.48 20.44
CA SER A 210 4.15 11.35 20.43
C SER A 210 5.32 10.60 21.05
N ALA A 211 5.05 9.41 21.57
CA ALA A 211 6.04 8.50 22.17
C ALA A 211 5.40 7.15 22.50
N PRO A 212 6.20 6.11 22.72
CA PRO A 212 5.68 4.81 23.18
C PRO A 212 5.04 4.98 24.56
N GLU A 213 4.23 4.01 24.97
CA GLU A 213 3.74 3.97 26.35
C GLU A 213 4.99 3.55 27.13
N ASN A 214 5.00 3.75 28.44
CA ASN A 214 6.17 3.34 29.22
C ASN A 214 7.38 4.12 28.76
N PRO A 215 7.21 5.40 28.45
CA PRO A 215 8.33 6.19 27.89
C PRO A 215 9.48 6.29 28.89
N SER A 216 10.55 5.55 28.65
CA SER A 216 11.74 5.70 29.47
C SER A 216 12.11 7.17 29.36
N PRO A 217 12.61 7.77 30.42
CA PRO A 217 13.02 9.18 30.36
C PRO A 217 14.23 9.30 29.45
N SER A 218 14.79 8.18 29.03
CA SER A 218 15.91 8.21 28.08
C SER A 218 15.43 8.61 26.66
N LEU A 219 14.12 8.54 26.42
CA LEU A 219 13.56 8.87 25.10
C LEU A 219 13.46 10.36 24.79
N PRO A 220 13.68 10.71 23.52
CA PRO A 220 13.44 12.07 23.04
C PRO A 220 11.92 12.30 23.07
N ASN A 221 11.49 13.55 22.94
CA ASN A 221 10.05 13.81 22.91
C ASN A 221 9.84 14.94 21.92
N PRO A 222 9.15 14.67 20.82
CA PRO A 222 8.52 13.38 20.52
C PRO A 222 9.52 12.28 20.17
N SER A 223 9.04 11.06 20.24
CA SER A 223 9.80 9.91 19.78
C SER A 223 9.02 9.05 18.81
N ILE A 224 9.67 8.64 17.73
CA ILE A 224 9.08 7.65 16.83
C ILE A 224 8.70 6.41 17.60
N VAL A 225 7.63 5.73 17.18
CA VAL A 225 7.21 4.46 17.77
C VAL A 225 7.42 3.38 16.71
N PRO A 226 7.62 2.13 17.10
CA PRO A 226 7.91 1.08 16.10
C PRO A 226 6.68 0.54 15.36
N ALA A 227 5.46 0.88 15.78
CA ALA A 227 4.25 0.40 15.15
C ALA A 227 3.10 1.29 15.57
N PHE A 228 2.08 1.47 14.71
CA PHE A 228 0.92 2.28 15.09
C PHE A 228 -0.32 1.42 14.82
N CYS A 229 -1.15 1.16 15.84
CA CYS A 229 -2.40 0.44 15.63
C CYS A 229 -3.54 1.40 15.98
N GLY A 230 -4.38 1.74 15.01
CA GLY A 230 -5.50 2.67 15.24
C GLY A 230 -6.68 2.02 15.88
N GLU A 231 -7.44 2.80 16.65
CA GLU A 231 -8.59 2.24 17.37
C GLU A 231 -9.81 2.07 16.47
N THR A 232 -9.85 2.76 15.35
CA THR A 232 -11.03 2.74 14.49
C THR A 232 -10.63 2.40 13.06
N ILE A 233 -11.53 1.83 12.30
CA ILE A 233 -11.20 1.48 10.90
C ILE A 233 -12.03 2.34 9.99
N LEU A 234 -11.41 2.94 8.98
CA LEU A 234 -12.10 3.74 7.98
C LEU A 234 -11.93 3.09 6.59
N VAL A 235 -12.97 3.22 5.76
CA VAL A 235 -12.88 2.87 4.35
C VAL A 235 -13.25 4.10 3.58
N ASN A 236 -12.40 4.47 2.65
CA ASN A 236 -12.62 5.68 1.84
C ASN A 236 -12.95 6.92 2.66
N GLY A 237 -12.22 7.08 3.76
CA GLY A 237 -12.34 8.28 4.57
C GLY A 237 -13.56 8.36 5.48
N LYS A 238 -14.29 7.26 5.67
CA LYS A 238 -15.38 7.21 6.69
C LYS A 238 -15.18 6.06 7.62
N VAL A 239 -15.43 6.31 8.92
CA VAL A 239 -15.38 5.31 9.96
C VAL A 239 -16.52 4.26 9.78
N TRP A 240 -16.13 2.98 9.80
CA TRP A 240 -17.03 1.83 9.67
C TRP A 240 -18.26 2.17 8.86
N PRO A 241 -18.16 2.37 7.56
CA PRO A 241 -19.28 2.80 6.74
C PRO A 241 -20.12 1.65 6.20
N TYR A 242 -21.25 1.97 5.59
CA TYR A 242 -22.01 0.97 4.87
C TYR A 242 -22.07 1.34 3.41
N LEU A 243 -22.18 0.34 2.54
CA LEU A 243 -22.43 0.65 1.18
C LEU A 243 -23.66 -0.13 0.69
N GLU A 244 -24.62 0.59 0.15
CA GLU A 244 -25.78 -0.05 -0.48
C GLU A 244 -25.36 -0.61 -1.83
N VAL A 245 -25.56 -1.91 -2.04
CA VAL A 245 -25.22 -2.57 -3.30
C VAL A 245 -26.45 -3.23 -3.95
N GLU A 246 -26.39 -3.42 -5.27
CA GLU A 246 -27.41 -4.15 -6.02
C GLU A 246 -27.05 -5.62 -5.90
N PRO A 247 -28.09 -6.47 -6.02
CA PRO A 247 -27.88 -7.90 -5.88
C PRO A 247 -27.35 -8.48 -7.16
N ARG A 248 -26.03 -8.28 -7.33
CA ARG A 248 -25.34 -8.71 -8.55
C ARG A 248 -23.84 -8.70 -8.22
N LYS A 249 -23.02 -8.93 -9.23
CA LYS A 249 -21.54 -8.96 -9.06
C LYS A 249 -20.93 -7.56 -9.07
N TYR A 250 -20.03 -7.34 -8.12
CA TYR A 250 -19.24 -6.09 -8.03
C TYR A 250 -17.78 -6.46 -8.05
N ARG A 251 -16.96 -5.53 -8.55
CA ARG A 251 -15.50 -5.69 -8.47
C ARG A 251 -15.05 -4.65 -7.44
N PHE A 252 -14.22 -5.05 -6.52
CA PHE A 252 -13.67 -4.12 -5.55
C PHE A 252 -12.15 -4.11 -5.64
N ARG A 253 -11.60 -2.88 -5.61
CA ARG A 253 -10.12 -2.78 -5.61
C ARG A 253 -9.75 -2.45 -4.20
N VAL A 254 -9.29 -3.46 -3.48
CA VAL A 254 -9.05 -3.34 -2.06
C VAL A 254 -7.62 -2.94 -1.82
N ILE A 255 -7.41 -1.79 -1.19
CA ILE A 255 -6.05 -1.30 -0.97
C ILE A 255 -5.82 -1.11 0.51
N ASN A 256 -4.75 -1.72 1.05
CA ASN A 256 -4.39 -1.41 2.43
C ASN A 256 -3.52 -0.17 2.51
N ALA A 257 -4.14 0.95 2.88
CA ALA A 257 -3.44 2.23 3.00
C ALA A 257 -3.13 2.59 4.46
N SER A 258 -3.06 1.60 5.34
CA SER A 258 -2.74 1.80 6.77
C SER A 258 -1.21 1.79 7.03
N ASN A 259 -0.83 2.46 8.10
CA ASN A 259 0.61 2.60 8.40
C ASN A 259 1.26 1.27 8.77
N THR A 260 0.59 0.49 9.61
CA THR A 260 1.17 -0.76 10.15
C THR A 260 0.24 -1.95 10.03
N ARG A 261 -1.05 -1.66 10.24
CA ARG A 261 -2.02 -2.74 10.44
C ARG A 261 -2.18 -3.69 9.26
N THR A 262 -2.14 -5.01 9.53
CA THR A 262 -2.52 -5.99 8.53
C THR A 262 -3.97 -6.39 8.79
N TYR A 263 -4.74 -6.62 7.74
CA TYR A 263 -6.14 -7.09 7.87
C TYR A 263 -6.26 -8.54 7.45
N ASN A 264 -7.26 -9.26 7.99
CA ASN A 264 -7.53 -10.59 7.43
C ASN A 264 -9.02 -10.61 7.24
N LEU A 265 -9.45 -10.57 5.98
CA LEU A 265 -10.84 -10.15 5.73
C LEU A 265 -11.68 -11.36 5.42
N SER A 266 -12.96 -11.27 5.82
CA SER A 266 -13.95 -12.29 5.48
C SER A 266 -15.34 -11.65 5.44
N LEU A 267 -16.35 -12.41 5.00
CA LEU A 267 -17.73 -11.89 4.99
C LEU A 267 -18.55 -12.62 6.07
N ASP A 268 -19.35 -11.89 6.84
CA ASP A 268 -19.92 -12.58 7.98
C ASP A 268 -21.08 -13.47 7.60
N ASN A 269 -21.50 -13.45 6.35
CA ASN A 269 -22.56 -14.40 5.89
C ASN A 269 -21.94 -15.65 5.27
N GLY A 270 -20.62 -15.80 5.44
CA GLY A 270 -19.86 -16.91 4.89
C GLY A 270 -19.64 -16.89 3.38
N GLY A 271 -19.97 -15.79 2.72
CA GLY A 271 -19.86 -15.73 1.27
C GLY A 271 -18.38 -15.75 0.86
N ASP A 272 -18.11 -16.03 -0.40
CA ASP A 272 -16.70 -16.07 -0.83
C ASP A 272 -16.34 -14.82 -1.56
N PHE A 273 -15.05 -14.51 -1.60
CA PHE A 273 -14.56 -13.52 -2.54
C PHE A 273 -14.02 -14.29 -3.72
N ILE A 274 -14.02 -13.69 -4.91
CA ILE A 274 -13.37 -14.31 -6.09
C ILE A 274 -12.19 -13.38 -6.37
N GLN A 275 -10.99 -13.81 -6.06
CA GLN A 275 -9.86 -12.88 -6.32
C GLN A 275 -9.53 -12.97 -7.83
N ILE A 276 -9.36 -11.83 -8.50
CA ILE A 276 -9.11 -11.82 -9.95
C ILE A 276 -7.73 -11.15 -10.17
N GLY A 277 -7.27 -10.43 -9.16
CA GLY A 277 -5.98 -9.71 -9.32
C GLY A 277 -5.18 -9.44 -8.08
N SER A 278 -3.86 -9.19 -8.26
CA SER A 278 -2.95 -8.92 -7.16
C SER A 278 -2.29 -7.58 -7.52
N ASP A 279 -1.31 -7.16 -6.74
CA ASP A 279 -0.67 -5.87 -6.96
C ASP A 279 -0.35 -5.56 -8.40
N GLY A 280 0.21 -6.58 -9.06
CA GLY A 280 0.72 -6.42 -10.41
C GLY A 280 -0.22 -6.72 -11.53
N GLY A 281 -1.51 -6.95 -11.22
CA GLY A 281 -2.47 -7.17 -12.27
C GLY A 281 -3.31 -8.45 -12.13
N LEU A 282 -4.04 -8.78 -13.19
CA LEU A 282 -4.88 -10.01 -13.14
C LEU A 282 -4.04 -11.26 -12.87
N LEU A 283 -4.56 -12.14 -12.01
CA LEU A 283 -3.99 -13.45 -11.78
C LEU A 283 -4.21 -14.26 -13.06
N PRO A 284 -3.47 -15.35 -13.24
CA PRO A 284 -3.70 -16.17 -14.43
C PRO A 284 -5.06 -16.88 -14.35
N ARG A 285 -5.46 -17.22 -13.14
CA ARG A 285 -6.75 -17.90 -12.89
C ARG A 285 -7.43 -17.24 -11.71
N SER A 286 -8.75 -17.10 -11.79
CA SER A 286 -9.45 -16.58 -10.62
C SER A 286 -9.34 -17.57 -9.47
N VAL A 287 -9.49 -17.08 -8.25
CA VAL A 287 -9.31 -17.87 -7.05
C VAL A 287 -10.47 -17.64 -6.07
N LYS A 288 -11.21 -18.70 -5.73
CA LYS A 288 -12.29 -18.51 -4.74
C LYS A 288 -11.72 -18.59 -3.33
N LEU A 289 -12.01 -17.60 -2.48
CA LEU A 289 -11.43 -17.47 -1.17
C LEU A 289 -12.48 -17.19 -0.13
N ASN A 290 -12.37 -17.82 1.05
CA ASN A 290 -13.25 -17.45 2.15
C ASN A 290 -12.66 -16.32 2.98
N SER A 291 -11.34 -16.16 2.91
CA SER A 291 -10.66 -15.09 3.66
C SER A 291 -9.33 -14.78 2.98
N PHE A 292 -8.76 -13.61 3.30
CA PHE A 292 -7.43 -13.26 2.76
C PHE A 292 -6.73 -12.27 3.67
N SER A 293 -5.39 -12.33 3.67
CA SER A 293 -4.60 -11.45 4.51
C SER A 293 -4.20 -10.27 3.59
N LEU A 294 -4.16 -9.06 4.14
CA LEU A 294 -3.83 -7.86 3.32
C LEU A 294 -2.97 -6.95 4.21
N ALA A 295 -1.64 -7.00 3.94
CA ALA A 295 -0.71 -6.19 4.74
C ALA A 295 -0.56 -4.81 4.11
N PRO A 296 0.05 -3.86 4.82
CA PRO A 296 0.22 -2.49 4.28
C PRO A 296 0.75 -2.43 2.85
N ALA A 297 0.01 -1.73 2.01
CA ALA A 297 0.36 -1.54 0.57
C ALA A 297 0.02 -2.64 -0.39
N GLU A 298 -0.44 -3.79 0.12
CA GLU A 298 -0.92 -4.79 -0.78
C GLU A 298 -2.30 -4.42 -1.36
N ARG A 299 -2.60 -4.97 -2.52
CA ARG A 299 -3.90 -4.78 -3.14
C ARG A 299 -4.47 -6.11 -3.56
N TYR A 300 -5.79 -6.26 -3.35
CA TYR A 300 -6.54 -7.41 -3.85
C TYR A 300 -7.62 -6.91 -4.76
N ASP A 301 -7.68 -7.43 -5.98
CA ASP A 301 -8.70 -7.09 -6.94
C ASP A 301 -9.67 -8.29 -6.87
N ILE A 302 -10.91 -8.04 -6.39
CA ILE A 302 -11.81 -9.16 -6.09
C ILE A 302 -13.20 -8.89 -6.67
N ILE A 303 -13.92 -9.99 -6.91
CA ILE A 303 -15.35 -9.87 -7.20
C ILE A 303 -16.10 -10.41 -5.98
N ILE A 304 -17.15 -9.70 -5.56
CA ILE A 304 -18.10 -10.23 -4.57
C ILE A 304 -19.41 -10.34 -5.32
N ASP A 305 -20.03 -11.52 -5.21
CA ASP A 305 -21.31 -11.74 -5.88
C ASP A 305 -22.45 -11.67 -4.84
N PHE A 306 -23.26 -10.62 -4.93
CA PHE A 306 -24.31 -10.40 -3.94
C PHE A 306 -25.65 -10.92 -4.50
N THR A 307 -25.61 -11.57 -5.64
CA THR A 307 -26.82 -11.97 -6.33
C THR A 307 -27.78 -12.75 -5.40
N ALA A 308 -27.24 -13.64 -4.61
CA ALA A 308 -28.11 -14.52 -3.78
C ALA A 308 -28.40 -13.96 -2.41
N TYR A 309 -28.00 -12.70 -2.16
CA TYR A 309 -28.12 -12.14 -0.83
C TYR A 309 -29.01 -10.92 -0.73
N GLU A 310 -29.99 -10.81 -1.61
CA GLU A 310 -30.80 -9.60 -1.67
C GLU A 310 -31.47 -9.34 -0.31
N GLY A 311 -31.34 -8.11 0.16
CA GLY A 311 -31.90 -7.63 1.40
C GLY A 311 -30.98 -7.81 2.59
N GLU A 312 -29.91 -8.57 2.41
CA GLU A 312 -29.07 -8.81 3.57
C GLU A 312 -28.08 -7.68 3.87
N SER A 313 -27.73 -7.56 5.15
CA SER A 313 -26.61 -6.72 5.59
C SER A 313 -25.47 -7.70 5.88
N ILE A 314 -24.31 -7.47 5.24
CA ILE A 314 -23.20 -8.38 5.36
C ILE A 314 -21.98 -7.56 5.82
N ILE A 315 -21.35 -7.98 6.90
CA ILE A 315 -20.18 -7.27 7.40
C ILE A 315 -18.90 -7.81 6.78
N LEU A 316 -18.05 -6.91 6.27
CA LEU A 316 -16.69 -7.26 5.88
C LEU A 316 -15.93 -7.20 7.21
N ALA A 317 -15.60 -8.40 7.71
CA ALA A 317 -15.00 -8.62 9.03
C ALA A 317 -13.48 -8.81 8.96
N ASN A 318 -12.82 -8.59 10.09
CA ASN A 318 -11.37 -8.65 10.20
C ASN A 318 -11.01 -9.49 11.42
N SER A 319 -10.09 -10.44 11.25
CA SER A 319 -9.66 -11.29 12.35
C SER A 319 -8.22 -11.07 12.78
N ALA A 320 -7.49 -10.23 12.05
CA ALA A 320 -6.07 -10.00 12.38
C ALA A 320 -5.94 -9.00 13.50
N GLY A 321 -5.14 -9.32 14.52
CA GLY A 321 -4.91 -8.37 15.58
C GLY A 321 -3.83 -7.36 15.18
N CYS A 322 -3.79 -6.26 15.92
CA CYS A 322 -2.75 -5.26 15.79
C CYS A 322 -2.44 -4.84 17.21
N GLY A 323 -1.34 -5.35 17.73
CA GLY A 323 -0.93 -5.04 19.08
C GLY A 323 -1.85 -5.72 20.09
N GLY A 324 -2.51 -6.79 19.68
CA GLY A 324 -3.47 -7.51 20.52
C GLY A 324 -4.56 -8.21 19.71
N ASP A 325 -5.41 -9.00 20.36
CA ASP A 325 -6.51 -9.62 19.65
C ASP A 325 -7.50 -8.54 19.19
N VAL A 326 -8.24 -8.81 18.13
CA VAL A 326 -9.21 -7.84 17.63
C VAL A 326 -10.35 -7.75 18.62
N ASN A 327 -11.01 -6.61 18.62
CA ASN A 327 -12.14 -6.36 19.51
C ASN A 327 -13.39 -6.45 18.65
N PRO A 328 -14.30 -7.35 19.02
CA PRO A 328 -15.51 -7.58 18.24
C PRO A 328 -16.30 -6.35 17.97
N GLU A 329 -16.22 -5.36 18.84
CA GLU A 329 -17.01 -4.18 18.66
C GLU A 329 -16.32 -3.09 17.87
N THR A 330 -15.02 -3.25 17.60
CA THR A 330 -14.34 -2.16 16.91
C THR A 330 -13.53 -2.70 15.73
N ASP A 331 -12.26 -3.00 15.93
CA ASP A 331 -11.44 -3.38 14.77
C ASP A 331 -11.73 -4.73 14.14
N ALA A 332 -12.63 -5.55 14.72
CA ALA A 332 -13.05 -6.75 13.98
C ALA A 332 -13.98 -6.40 12.81
N ASN A 333 -14.34 -5.12 12.70
CA ASN A 333 -15.28 -4.70 11.65
C ASN A 333 -14.58 -3.74 10.68
N ILE A 334 -14.85 -3.91 9.38
CA ILE A 334 -14.35 -2.94 8.39
C ILE A 334 -15.47 -2.09 7.83
N MET A 335 -16.49 -2.73 7.23
CA MET A 335 -17.61 -1.98 6.64
C MET A 335 -18.78 -2.95 6.49
N GLN A 336 -19.92 -2.43 6.05
CA GLN A 336 -21.12 -3.28 5.94
C GLN A 336 -21.74 -3.09 4.58
N PHE A 337 -22.00 -4.17 3.86
CA PHE A 337 -22.70 -4.05 2.58
C PHE A 337 -24.20 -4.27 2.88
N ARG A 338 -25.04 -3.53 2.18
CA ARG A 338 -26.53 -3.72 2.37
C ARG A 338 -27.05 -4.03 0.98
N VAL A 339 -27.58 -5.23 0.77
CA VAL A 339 -27.95 -5.59 -0.60
C VAL A 339 -29.40 -5.18 -0.85
N THR A 340 -29.58 -3.86 -0.92
CA THR A 340 -30.94 -3.23 -1.00
C THR A 340 -31.16 -2.27 -2.16
N LYS A 341 -30.18 -2.12 -3.03
CA LYS A 341 -30.35 -1.20 -4.14
C LYS A 341 -31.01 -1.91 -5.30
N PRO A 342 -32.05 -1.33 -5.89
CA PRO A 342 -32.68 -2.02 -7.02
C PRO A 342 -31.73 -2.14 -8.21
N LEU A 343 -31.81 -3.24 -8.96
CA LEU A 343 -30.97 -3.39 -10.17
C LEU A 343 -31.17 -2.28 -11.16
N ALA A 344 -30.09 -1.62 -11.58
CA ALA A 344 -30.21 -0.57 -12.58
C ALA A 344 -30.34 -1.15 -14.01
N GLN A 345 -29.84 -2.37 -14.21
CA GLN A 345 -29.83 -3.09 -15.48
C GLN A 345 -29.56 -4.55 -15.19
N LYS A 346 -29.73 -5.42 -16.19
CA LYS A 346 -29.31 -6.80 -16.06
C LYS A 346 -27.83 -6.91 -15.72
N ASP A 347 -27.45 -7.81 -14.85
CA ASP A 347 -26.04 -8.04 -14.58
C ASP A 347 -25.48 -8.81 -15.80
N GLU A 348 -24.74 -8.08 -16.66
CA GLU A 348 -24.07 -8.67 -17.83
C GLU A 348 -22.61 -8.96 -17.56
N SER A 349 -22.17 -8.72 -16.33
CA SER A 349 -20.78 -9.02 -15.95
C SER A 349 -20.54 -10.50 -15.76
N ARG A 350 -19.27 -10.86 -15.74
CA ARG A 350 -18.87 -12.25 -15.62
C ARG A 350 -17.79 -12.43 -14.57
N LYS A 351 -17.57 -13.69 -14.17
CA LYS A 351 -16.51 -14.05 -13.23
C LYS A 351 -15.70 -15.20 -13.84
N PRO A 352 -15.05 -14.93 -14.97
CA PRO A 352 -14.34 -15.99 -15.71
C PRO A 352 -13.23 -16.59 -14.91
N LYS A 353 -12.97 -17.87 -15.20
CA LYS A 353 -11.88 -18.60 -14.56
C LYS A 353 -10.57 -18.22 -15.25
N TYR A 354 -10.60 -18.10 -16.57
CA TYR A 354 -9.33 -17.86 -17.31
C TYR A 354 -9.12 -16.40 -17.53
N LEU A 355 -8.08 -15.84 -16.90
CA LEU A 355 -7.96 -14.39 -16.90
C LEU A 355 -6.77 -13.85 -17.66
N ALA A 356 -5.64 -14.48 -17.52
CA ALA A 356 -4.40 -13.93 -18.15
C ALA A 356 -3.29 -14.97 -18.24
N SER A 357 -2.21 -14.62 -18.94
CA SER A 357 -1.07 -15.50 -19.03
C SER A 357 -0.44 -15.70 -17.72
N TYR A 358 0.14 -16.87 -17.57
CA TYR A 358 0.88 -17.19 -16.38
C TYR A 358 2.23 -16.47 -16.45
N PRO A 359 2.68 -15.88 -15.35
CA PRO A 359 4.05 -15.36 -15.28
C PRO A 359 5.05 -16.47 -15.60
N SER A 360 4.73 -17.72 -15.27
CA SER A 360 5.68 -18.83 -15.48
C SER A 360 5.90 -19.14 -16.96
N VAL A 361 5.17 -18.49 -17.86
CA VAL A 361 5.43 -18.75 -19.27
C VAL A 361 6.82 -18.19 -19.58
N GLN A 362 7.24 -17.19 -18.80
CA GLN A 362 8.57 -16.58 -18.95
C GLN A 362 9.72 -17.48 -18.50
N HIS A 363 10.84 -17.44 -19.23
CA HIS A 363 11.99 -18.29 -18.91
C HIS A 363 13.27 -17.46 -18.88
N GLU A 364 13.33 -16.55 -17.93
CA GLU A 364 14.50 -15.69 -17.81
C GLU A 364 15.64 -16.42 -17.12
N ARG A 365 16.84 -16.12 -17.57
CA ARG A 365 18.03 -16.63 -16.97
C ARG A 365 18.27 -15.89 -15.64
N ILE A 366 18.68 -16.60 -14.61
CA ILE A 366 18.93 -15.98 -13.33
C ILE A 366 20.34 -15.42 -13.31
N GLN A 367 20.45 -14.10 -13.29
CA GLN A 367 21.74 -13.42 -13.38
C GLN A 367 22.44 -13.36 -12.04
N ASN A 368 21.63 -13.29 -10.97
CA ASN A 368 22.17 -13.10 -9.67
C ASN A 368 21.15 -13.52 -8.60
N ILE A 369 21.70 -13.92 -7.47
CA ILE A 369 20.93 -14.27 -6.26
C ILE A 369 21.41 -13.42 -5.13
N ARG A 370 20.50 -12.63 -4.54
CA ARG A 370 20.87 -11.78 -3.41
C ARG A 370 20.27 -12.28 -2.14
N THR A 371 21.05 -12.34 -1.08
CA THR A 371 20.55 -12.75 0.22
C THR A 371 20.44 -11.53 1.09
N LEU A 372 19.24 -11.27 1.60
CA LEU A 372 18.98 -10.06 2.37
C LEU A 372 18.39 -10.40 3.70
N LYS A 373 18.93 -9.87 4.79
CA LYS A 373 18.38 -10.15 6.13
C LYS A 373 17.59 -8.94 6.66
N LEU A 374 16.51 -9.21 7.39
CA LEU A 374 15.75 -8.18 8.09
C LEU A 374 16.26 -8.14 9.52
N ALA A 375 17.00 -7.08 9.86
CA ALA A 375 17.69 -7.04 11.13
C ALA A 375 17.51 -5.70 11.83
N GLY A 376 18.50 -5.30 12.59
CA GLY A 376 18.40 -4.03 13.28
C GLY A 376 19.32 -3.95 14.46
N THR A 377 19.30 -2.80 15.14
CA THR A 377 20.17 -2.55 16.26
C THR A 377 19.41 -1.65 17.19
N GLN A 378 20.09 -1.05 18.15
CA GLN A 378 19.40 -0.25 19.14
C GLN A 378 20.14 1.06 19.19
N ASP A 379 19.39 2.17 19.34
CA ASP A 379 20.06 3.47 19.34
C ASP A 379 20.49 3.97 20.71
N GLU A 380 21.06 5.16 20.75
CA GLU A 380 21.56 5.68 22.03
C GLU A 380 20.47 5.91 23.05
N TYR A 381 19.21 5.92 22.59
CA TYR A 381 18.11 6.14 23.50
C TYR A 381 17.42 4.84 23.92
N GLY A 382 17.92 3.72 23.41
CA GLY A 382 17.34 2.41 23.69
C GLY A 382 16.24 1.94 22.73
N ARG A 383 16.01 2.68 21.65
CA ARG A 383 14.96 2.32 20.70
C ARG A 383 15.48 1.39 19.62
N PRO A 384 14.61 0.55 19.08
CA PRO A 384 14.98 -0.33 17.99
C PRO A 384 15.10 0.47 16.73
N VAL A 385 16.15 0.19 15.97
CA VAL A 385 16.32 0.78 14.67
C VAL A 385 16.29 -0.37 13.69
N LEU A 386 15.29 -0.46 12.81
CA LEU A 386 15.19 -1.63 11.97
C LEU A 386 15.97 -1.39 10.68
N LEU A 387 16.78 -2.39 10.26
CA LEU A 387 17.69 -2.20 9.13
C LEU A 387 17.65 -3.35 8.16
N LEU A 388 17.74 -3.05 6.86
CA LEU A 388 17.78 -4.07 5.81
C LEU A 388 19.25 -4.47 5.70
N ASN A 389 19.60 -5.74 5.92
CA ASN A 389 21.03 -6.13 5.89
C ASN A 389 21.97 -5.30 6.82
N ASN A 390 21.48 -4.84 7.97
CA ASN A 390 22.26 -4.01 8.88
C ASN A 390 22.89 -2.77 8.24
N LYS A 391 22.38 -2.35 7.09
CA LYS A 391 22.84 -1.09 6.50
C LYS A 391 21.82 0.04 6.82
N ARG A 392 22.29 1.25 7.03
CA ARG A 392 21.41 2.44 7.14
C ARG A 392 21.03 2.89 5.73
N TRP A 393 19.93 3.64 5.65
CA TRP A 393 19.53 4.22 4.40
C TRP A 393 20.71 4.95 3.76
N HIS A 394 21.49 5.68 4.56
CA HIS A 394 22.52 6.54 4.01
C HIS A 394 23.82 5.80 3.69
N ASP A 395 23.90 4.52 3.99
CA ASP A 395 25.14 3.79 3.67
C ASP A 395 25.23 3.62 2.17
N PRO A 396 26.43 3.42 1.66
CA PRO A 396 26.57 3.25 0.21
C PRO A 396 25.67 2.13 -0.33
N VAL A 397 25.15 2.38 -1.51
CA VAL A 397 24.20 1.42 -2.13
C VAL A 397 24.84 0.08 -2.33
N THR A 398 24.05 -0.96 -2.06
CA THR A 398 24.51 -2.34 -2.25
C THR A 398 23.62 -3.16 -3.15
N GLU A 399 22.36 -2.76 -3.33
CA GLU A 399 21.49 -3.53 -4.19
C GLU A 399 21.54 -2.90 -5.55
N THR A 400 22.36 -3.47 -6.44
CA THR A 400 22.66 -2.85 -7.74
C THR A 400 22.42 -3.76 -8.93
N PRO A 401 21.18 -4.18 -9.14
CA PRO A 401 20.90 -5.04 -10.28
C PRO A 401 21.21 -4.39 -11.63
N LYS A 402 21.53 -5.23 -12.61
CA LYS A 402 21.79 -4.79 -13.98
C LYS A 402 20.49 -4.69 -14.75
N VAL A 403 20.29 -3.59 -15.48
CA VAL A 403 19.05 -3.45 -16.22
C VAL A 403 18.75 -4.60 -17.17
N GLY A 404 17.49 -5.03 -17.16
CA GLY A 404 17.05 -6.13 -18.02
C GLY A 404 17.36 -7.51 -17.50
N THR A 405 18.12 -7.64 -16.42
CA THR A 405 18.42 -8.95 -15.88
C THR A 405 17.40 -9.37 -14.83
N THR A 406 17.35 -10.67 -14.60
CA THR A 406 16.46 -11.24 -13.60
C THR A 406 17.27 -11.73 -12.40
N GLU A 407 16.81 -11.44 -11.19
CA GLU A 407 17.49 -11.89 -10.01
C GLU A 407 16.49 -12.63 -9.13
N ILE A 408 17.02 -13.52 -8.31
CA ILE A 408 16.28 -14.09 -7.20
C ILE A 408 16.72 -13.36 -5.94
N TRP A 409 15.77 -12.78 -5.21
CA TRP A 409 16.09 -12.21 -3.92
C TRP A 409 15.59 -13.17 -2.82
N SER A 410 16.46 -13.51 -1.90
CA SER A 410 16.17 -14.39 -0.75
C SER A 410 16.13 -13.58 0.49
N ILE A 411 14.90 -13.34 0.97
CA ILE A 411 14.74 -12.47 2.12
C ILE A 411 14.62 -13.27 3.39
N ILE A 412 15.59 -13.10 4.29
CA ILE A 412 15.61 -13.82 5.58
C ILE A 412 15.03 -13.01 6.68
N ASN A 413 13.98 -13.53 7.30
CA ASN A 413 13.36 -12.81 8.42
C ASN A 413 13.45 -13.53 9.75
N PRO A 414 14.47 -13.20 10.56
CA PRO A 414 14.60 -13.80 11.89
C PRO A 414 13.90 -13.01 12.96
N THR A 415 13.06 -12.06 12.59
CA THR A 415 12.40 -11.27 13.62
C THR A 415 11.10 -11.92 14.05
N ARG A 416 10.39 -11.30 14.99
CA ARG A 416 9.17 -11.90 15.54
C ARG A 416 7.89 -11.70 14.73
N GLY A 417 7.89 -10.73 13.83
CA GLY A 417 6.70 -10.47 13.02
C GLY A 417 6.93 -10.46 11.51
N THR A 418 5.85 -10.24 10.78
CA THR A 418 5.88 -10.19 9.30
C THR A 418 6.27 -8.78 8.85
N HIS A 419 7.00 -8.68 7.73
CA HIS A 419 7.34 -7.35 7.21
C HIS A 419 6.89 -7.39 5.78
N PRO A 420 6.08 -6.42 5.37
CA PRO A 420 5.65 -6.36 3.97
C PRO A 420 6.70 -5.61 3.15
N ILE A 421 7.42 -6.33 2.28
CA ILE A 421 8.53 -5.71 1.54
C ILE A 421 8.09 -5.26 0.16
N HIS A 422 8.36 -3.98 -0.15
CA HIS A 422 7.99 -3.39 -1.42
C HIS A 422 9.28 -3.08 -2.21
N LEU A 423 9.34 -3.55 -3.45
CA LEU A 423 10.38 -3.09 -4.41
C LEU A 423 9.73 -2.10 -5.34
N HIS A 424 10.36 -0.94 -5.57
CA HIS A 424 9.81 -0.02 -6.56
C HIS A 424 10.17 -0.49 -7.97
N LEU A 425 9.53 0.14 -8.95
CA LEU A 425 9.63 -0.13 -10.39
C LEU A 425 9.02 -1.46 -10.87
N VAL A 426 9.43 -2.56 -10.27
CA VAL A 426 9.09 -3.84 -10.82
C VAL A 426 7.94 -4.51 -10.14
N SER A 427 7.36 -5.48 -10.83
CA SER A 427 6.54 -6.49 -10.13
C SER A 427 7.31 -7.80 -10.30
N PHE A 428 7.02 -8.76 -9.44
CA PHE A 428 7.86 -9.95 -9.37
C PHE A 428 7.05 -11.17 -9.08
N ARG A 429 7.70 -12.34 -9.27
CA ARG A 429 7.12 -13.65 -9.01
C ARG A 429 7.48 -14.15 -7.62
N VAL A 430 6.56 -14.81 -6.95
CA VAL A 430 6.90 -15.42 -5.66
C VAL A 430 7.33 -16.86 -5.97
N LEU A 431 8.51 -17.24 -5.51
CA LEU A 431 9.00 -18.62 -5.73
C LEU A 431 8.59 -19.56 -4.62
N ASP A 432 8.93 -19.22 -3.38
CA ASP A 432 8.57 -20.06 -2.21
C ASP A 432 8.93 -19.43 -0.89
N ARG A 433 8.47 -20.05 0.22
CA ARG A 433 8.79 -19.62 1.56
C ARG A 433 9.28 -20.86 2.31
N ARG A 434 10.25 -20.71 3.20
CA ARG A 434 10.79 -21.91 3.90
C ARG A 434 11.23 -21.56 5.28
N PRO A 435 10.78 -22.33 6.27
CA PRO A 435 11.05 -22.04 7.69
C PRO A 435 12.48 -22.40 8.10
N PHE A 436 13.11 -21.59 8.94
CA PHE A 436 14.49 -21.89 9.38
C PHE A 436 14.65 -21.72 10.90
N ASP A 437 15.79 -22.19 11.41
CA ASP A 437 16.07 -22.20 12.82
C ASP A 437 16.54 -20.82 13.25
N ILE A 438 15.63 -20.02 13.81
CA ILE A 438 15.99 -18.64 14.17
C ILE A 438 17.18 -18.53 15.12
N ALA A 439 17.09 -19.20 16.27
CA ALA A 439 18.19 -19.11 17.25
C ALA A 439 19.55 -19.45 16.63
N ARG A 440 19.57 -20.49 15.82
CA ARG A 440 20.82 -20.87 15.17
C ARG A 440 21.35 -19.80 14.21
N TYR A 441 20.44 -19.17 13.48
CA TYR A 441 20.83 -18.13 12.54
C TYR A 441 21.37 -16.93 13.32
N GLN A 442 20.70 -16.60 14.41
CA GLN A 442 21.15 -15.44 15.21
C GLN A 442 22.52 -15.65 15.87
N GLU A 443 22.81 -16.88 16.27
CA GLU A 443 24.07 -17.13 16.97
C GLU A 443 25.25 -17.31 16.02
N SER A 444 25.01 -17.89 14.86
CA SER A 444 26.12 -18.24 13.99
C SER A 444 26.03 -17.66 12.60
N GLY A 445 24.85 -17.17 12.23
CA GLY A 445 24.68 -16.69 10.87
C GLY A 445 24.43 -17.81 9.89
N GLU A 446 24.40 -19.03 10.39
CA GLU A 446 24.18 -20.18 9.52
C GLU A 446 22.70 -20.42 9.32
N LEU A 447 22.32 -20.64 8.07
CA LEU A 447 20.92 -20.85 7.75
C LEU A 447 20.64 -22.35 7.66
N SER A 448 19.80 -22.84 8.55
CA SER A 448 19.41 -24.24 8.61
C SER A 448 17.89 -24.39 8.54
N TYR A 449 17.41 -24.94 7.43
CA TYR A 449 15.97 -25.11 7.24
C TYR A 449 15.36 -26.18 8.13
N THR A 450 14.17 -25.90 8.65
CA THR A 450 13.45 -26.83 9.51
C THR A 450 12.25 -27.47 8.81
N GLY A 451 12.17 -27.32 7.50
CA GLY A 451 11.09 -27.91 6.72
C GLY A 451 11.32 -27.60 5.25
N PRO A 452 10.55 -28.22 4.37
CA PRO A 452 10.71 -27.97 2.95
C PRO A 452 10.14 -26.63 2.55
N ALA A 453 10.48 -26.23 1.34
CA ALA A 453 9.97 -25.01 0.77
C ALA A 453 8.48 -25.19 0.45
N VAL A 454 7.73 -24.09 0.55
CA VAL A 454 6.31 -24.06 0.23
C VAL A 454 6.07 -23.05 -0.91
N PRO A 455 5.60 -23.52 -2.04
CA PRO A 455 5.33 -22.64 -3.19
C PRO A 455 4.18 -21.73 -2.85
N PRO A 456 4.03 -20.62 -3.57
CA PRO A 456 2.95 -19.69 -3.25
C PRO A 456 1.56 -20.29 -3.46
N PRO A 457 0.60 -19.85 -2.66
CA PRO A 457 -0.81 -20.22 -2.86
C PRO A 457 -1.25 -19.54 -4.13
N PRO A 458 -2.41 -19.88 -4.66
CA PRO A 458 -2.94 -19.29 -5.90
C PRO A 458 -2.99 -17.77 -5.87
N SER A 459 -3.23 -17.13 -4.75
CA SER A 459 -3.34 -15.68 -4.76
C SER A 459 -2.01 -15.06 -5.15
N GLU A 460 -0.96 -15.84 -5.03
CA GLU A 460 0.41 -15.35 -5.29
C GLU A 460 1.11 -16.05 -6.47
N LYS A 461 0.32 -16.50 -7.44
CA LYS A 461 0.78 -17.11 -8.69
C LYS A 461 0.83 -16.08 -9.81
N GLY A 462 0.50 -14.81 -9.48
CA GLY A 462 0.54 -13.74 -10.46
C GLY A 462 1.73 -12.84 -10.12
N TRP A 463 1.50 -11.52 -10.26
CA TRP A 463 2.58 -10.54 -10.12
C TRP A 463 2.36 -9.78 -8.83
N LYS A 464 3.41 -9.63 -8.06
CA LYS A 464 3.32 -8.87 -6.82
C LYS A 464 4.33 -7.75 -6.78
N ASP A 465 4.00 -6.71 -6.01
CA ASP A 465 5.03 -5.67 -5.73
C ASP A 465 5.28 -5.39 -4.26
N THR A 466 4.40 -5.89 -3.38
CA THR A 466 4.58 -5.72 -1.96
C THR A 466 4.25 -7.09 -1.38
N ILE A 467 5.15 -7.66 -0.60
CA ILE A 467 5.03 -9.11 -0.33
C ILE A 467 5.27 -9.38 1.12
N GLN A 468 4.43 -10.20 1.74
CA GLN A 468 4.63 -10.48 3.15
C GLN A 468 5.80 -11.45 3.35
N ALA A 469 6.80 -11.03 4.12
CA ALA A 469 7.89 -11.89 4.54
C ALA A 469 7.64 -12.29 5.99
N HIS A 470 7.08 -13.49 6.19
CA HIS A 470 6.76 -13.94 7.54
C HIS A 470 7.94 -14.25 8.43
N ALA A 471 7.70 -14.18 9.74
CA ALA A 471 8.69 -14.48 10.75
C ALA A 471 9.21 -15.92 10.65
N GLY A 472 10.52 -16.07 10.82
CA GLY A 472 11.12 -17.40 10.83
C GLY A 472 11.16 -18.10 9.49
N GLU A 473 11.06 -17.32 8.41
CA GLU A 473 11.10 -17.90 7.08
C GLU A 473 12.01 -17.14 6.14
N VAL A 474 12.50 -17.85 5.14
CA VAL A 474 13.18 -17.26 4.02
C VAL A 474 12.16 -17.19 2.88
N LEU A 475 11.92 -15.99 2.35
CA LEU A 475 11.06 -15.79 1.19
C LEU A 475 11.91 -15.54 -0.03
N ARG A 476 11.64 -16.28 -1.09
CA ARG A 476 12.34 -16.04 -2.38
C ARG A 476 11.38 -15.49 -3.44
N ILE A 477 11.79 -14.40 -4.11
CA ILE A 477 11.05 -13.83 -5.20
C ILE A 477 11.99 -13.70 -6.39
N ALA A 478 11.43 -13.65 -7.58
CA ALA A 478 12.25 -13.47 -8.79
C ALA A 478 11.77 -12.22 -9.51
N ALA A 479 12.68 -11.30 -9.80
CA ALA A 479 12.31 -10.07 -10.51
C ALA A 479 13.22 -9.73 -11.68
N THR A 480 12.62 -9.20 -12.74
CA THR A 480 13.37 -8.68 -13.88
C THR A 480 13.43 -7.19 -13.70
N PHE A 481 14.65 -6.67 -13.59
CA PHE A 481 14.84 -5.24 -13.30
C PHE A 481 14.84 -4.36 -14.55
N GLY A 482 13.70 -3.80 -14.90
CA GLY A 482 13.55 -3.01 -16.09
C GLY A 482 12.13 -2.50 -16.09
N PRO A 483 11.73 -1.78 -17.12
CA PRO A 483 12.55 -1.52 -18.31
C PRO A 483 13.51 -0.34 -18.14
N TYR A 484 13.33 0.46 -17.09
CA TYR A 484 14.15 1.64 -16.91
C TYR A 484 15.35 1.35 -16.02
N SER A 485 16.43 2.10 -16.21
CA SER A 485 17.53 2.06 -15.25
C SER A 485 17.44 3.31 -14.35
N GLY A 486 18.22 3.32 -13.28
CA GLY A 486 18.26 4.47 -12.38
C GLY A 486 18.19 4.13 -10.91
N ARG A 487 17.91 5.17 -10.12
CA ARG A 487 18.00 5.01 -8.69
C ARG A 487 16.57 4.95 -8.13
N TYR A 488 16.27 3.82 -7.52
CA TYR A 488 14.95 3.57 -6.91
C TYR A 488 15.17 3.17 -5.45
N VAL A 489 14.19 2.51 -4.81
CA VAL A 489 14.38 2.10 -3.43
C VAL A 489 13.68 0.77 -3.24
N TRP A 490 14.00 0.12 -2.12
CA TRP A 490 13.23 -1.07 -1.67
C TRP A 490 13.12 -0.93 -0.16
N HIS A 491 12.01 -1.40 0.46
CA HIS A 491 11.86 -1.11 1.89
C HIS A 491 10.69 -1.87 2.47
N CYS A 492 10.66 -1.90 3.79
CA CYS A 492 9.48 -2.44 4.49
C CYS A 492 8.41 -1.36 4.41
N HIS A 493 7.15 -1.80 4.23
CA HIS A 493 6.02 -0.86 4.12
C HIS A 493 5.22 -0.68 5.40
N ILE A 494 5.76 -1.14 6.52
CA ILE A 494 5.25 -0.67 7.80
C ILE A 494 5.93 0.69 7.95
N LEU A 495 5.13 1.76 7.89
CA LEU A 495 5.73 3.08 7.78
C LEU A 495 6.62 3.45 8.95
N GLU A 496 6.24 3.00 10.16
CA GLU A 496 7.02 3.26 11.33
C GLU A 496 8.41 2.57 11.23
N HIS A 497 8.48 1.50 10.43
CA HIS A 497 9.77 0.80 10.21
C HIS A 497 10.55 1.51 9.13
N GLU A 498 9.85 1.83 8.03
CA GLU A 498 10.45 2.52 6.89
C GLU A 498 11.20 3.80 7.28
N ASP A 499 10.62 4.59 8.18
CA ASP A 499 11.24 5.88 8.56
C ASP A 499 12.41 5.73 9.56
N TYR A 500 12.61 4.53 10.11
CA TYR A 500 13.71 4.32 11.07
C TYR A 500 14.09 2.84 11.23
N ASP A 501 14.84 2.29 10.27
CA ASP A 501 15.39 3.00 9.10
C ASP A 501 15.43 1.91 8.02
N MET A 502 14.27 1.27 7.86
CA MET A 502 14.15 0.03 7.08
C MET A 502 13.86 0.25 5.59
N MET A 503 14.76 1.00 4.96
CA MET A 503 14.65 1.40 3.59
C MET A 503 16.07 1.56 3.02
N ARG A 504 16.25 1.07 1.80
CA ARG A 504 17.57 1.19 1.13
C ARG A 504 17.44 1.62 -0.31
N PRO A 505 18.45 2.29 -0.84
CA PRO A 505 18.46 2.62 -2.26
C PRO A 505 18.66 1.35 -3.10
N MET A 506 18.19 1.39 -4.34
CA MET A 506 18.29 0.28 -5.27
C MET A 506 18.69 0.92 -6.60
N ASP A 507 19.90 0.63 -7.09
CA ASP A 507 20.34 1.20 -8.35
C ASP A 507 20.23 0.15 -9.41
N ILE A 508 19.47 0.42 -10.46
CA ILE A 508 19.38 -0.52 -11.58
C ILE A 508 20.35 0.07 -12.59
N THR A 509 21.43 -0.66 -12.87
CA THR A 509 22.52 -0.04 -13.64
C THR A 509 22.51 -0.36 -15.11
N ASP A 510 23.09 0.53 -15.91
CA ASP A 510 23.11 0.29 -17.35
C ASP A 510 24.52 -0.07 -17.86
C1 GOL B . -30.98 -11.97 -10.66
O1 GOL B . -30.69 -12.87 -11.76
C2 GOL B . -31.75 -12.47 -9.39
O2 GOL B . -33.11 -12.22 -9.54
C3 GOL B . -31.33 -11.53 -8.21
O3 GOL B . -32.09 -11.60 -7.01
C1 GOL C . 4.13 -3.53 -22.67
O1 GOL C . 4.47 -3.42 -21.30
C2 GOL C . 3.30 -2.39 -23.31
O2 GOL C . 2.56 -1.60 -22.35
C3 GOL C . 2.34 -3.08 -24.33
O3 GOL C . 1.61 -2.20 -25.16
C1 GOL D . 16.90 9.41 -8.85
O1 GOL D . 17.95 9.36 -9.83
C2 GOL D . 16.08 10.64 -9.10
O2 GOL D . 16.93 11.78 -9.02
C3 GOL D . 14.98 10.72 -8.02
O3 GOL D . 14.21 11.88 -8.28
C1 GOL E . -5.52 -16.11 -21.07
O1 GOL E . -4.84 -17.31 -21.37
C2 GOL E . -7.01 -16.33 -20.87
O2 GOL E . -7.57 -17.36 -21.71
C3 GOL E . -7.75 -15.01 -21.08
O3 GOL E . -8.95 -15.26 -21.75
CU CU F . 8.99 -3.85 8.89
CU2 C2O G . 3.89 2.36 -1.03
CU3 C2O G . 8.10 3.00 -1.42
O1 C2O G . 6.01 2.90 -1.18
CU4 C1O H . 5.78 1.54 -5.19
O3 C1O H . 6.24 0.77 -7.06
#